data_5C14
#
_entry.id   5C14
#
_cell.length_a   104.010
_cell.length_b   104.010
_cell.length_c   281.834
_cell.angle_alpha   90.00
_cell.angle_beta   90.00
_cell.angle_gamma   90.00
#
_symmetry.space_group_name_H-M   'I 41 2 2'
#
loop_
_entity.id
_entity.type
_entity.pdbx_description
1 polymer 'Platelet endothelial cell adhesion molecule'
2 polymer 'Platelet endothelial cell adhesion molecule'
3 non-polymer GLYCEROL
4 non-polymer 'COPPER (II) ION'
5 non-polymer 2-acetamido-2-deoxy-beta-D-glucopyranose
6 non-polymer 2-AMINO-2-HYDROXYMETHYL-PROPANE-1,3-DIOL
7 water water
#
loop_
_entity_poly.entity_id
_entity_poly.type
_entity_poly.pdbx_seq_one_letter_code
_entity_poly.pdbx_strand_id
1 'polypeptide(L)'
;RSQENSFTINSVD(MSE)KSLPDWTVQNGKNLTLQCFADVSTTSHVKPQHQMLFYKDDVLFYNISSMKSTESYFIPEVRI
YDSGTYKCTVIVNNKEKTTAEYQLLVEGVPSPRVTLDKKEAIQGGIVRVNCSVPEEKAPIHFTIEKLELNEKMVKLKREK
NSRDQNFVILEFPVEEQDRVLSFRCQARIISGIHMQTSESTKSELVTVSRENLYFQ
;
A
2 'polypeptide(L)'
;RSQENSFTINSVDMKSLPDWTVQNGKNLTLQCFADVSTTSHVKPQHQMLFYKDDVLFYNISSMKSTESYFIPEVRIYDSG
TYKCTVIVNNKEKTTAEYQLLVEGVPSPRVTLDKKEAIQGGIVRVNCSVPEEKAPIHFTIEKLELNEKMVKLKREKNSRD
QNFVILEFPVEEQDRVLSFRCQARIISGIHMQTSESTKSELVTVSRENLYFQ
;
B
#
loop_
_chem_comp.id
_chem_comp.type
_chem_comp.name
_chem_comp.formula
CU non-polymer 'COPPER (II) ION' 'Cu 2'
GOL non-polymer GLYCEROL 'C3 H8 O3'
NAG D-saccharide, beta linking 2-acetamido-2-deoxy-beta-D-glucopyranose 'C8 H15 N O6'
TRS non-polymer 2-AMINO-2-HYDROXYMETHYL-PROPANE-1,3-DIOL 'C4 H12 N O3 1'
#
# COMPACT_ATOMS: atom_id res chain seq x y z
N SER A 6 -32.74 18.93 -23.66
CA SER A 6 -33.96 18.87 -22.86
C SER A 6 -33.78 17.94 -21.66
N PHE A 7 -32.67 17.20 -21.63
CA PHE A 7 -32.29 16.41 -20.45
C PHE A 7 -30.99 16.96 -19.90
N THR A 8 -30.88 17.14 -18.59
CA THR A 8 -29.59 17.50 -18.01
C THR A 8 -29.31 16.63 -16.81
N ILE A 9 -28.16 15.97 -16.76
CA ILE A 9 -27.86 15.14 -15.61
C ILE A 9 -27.08 16.00 -14.62
N ASN A 10 -27.74 16.27 -13.49
CA ASN A 10 -27.24 17.23 -12.53
C ASN A 10 -26.03 16.70 -11.77
N SER A 11 -26.19 15.55 -11.11
CA SER A 11 -25.10 14.95 -10.36
C SER A 11 -25.12 13.41 -10.51
N VAL A 12 -23.98 12.73 -10.40
CA VAL A 12 -24.04 11.26 -10.47
C VAL A 12 -23.25 10.66 -9.31
N ASP A 13 -23.75 9.61 -8.66
CA ASP A 13 -23.10 9.17 -7.42
C ASP A 13 -23.13 7.69 -7.25
N MSE A 14 -22.16 7.18 -6.49
CA MSE A 14 -22.15 5.78 -6.15
C MSE A 14 -22.14 5.65 -4.65
O MSE A 14 -21.58 6.50 -3.98
CB MSE A 14 -20.94 5.12 -6.74
CG MSE A 14 -21.11 3.69 -7.11
SE MSE A 14 -19.44 3.20 -7.89
CE MSE A 14 -19.67 1.32 -8.26
N LYS A 15 -22.78 4.61 -4.13
CA LYS A 15 -22.69 4.32 -2.70
C LYS A 15 -22.48 2.82 -2.48
N SER A 16 -21.82 2.47 -1.39
CA SER A 16 -21.69 1.07 -1.04
C SER A 16 -22.29 0.81 0.36
N LEU A 17 -23.07 -0.26 0.49
CA LEU A 17 -23.67 -0.60 1.77
C LEU A 17 -23.09 -1.90 2.36
N PRO A 18 -22.62 -1.86 3.63
CA PRO A 18 -22.74 -0.82 4.67
C PRO A 18 -21.77 0.33 4.55
N ASP A 19 -20.59 0.12 4.00
CA ASP A 19 -19.64 1.23 3.99
C ASP A 19 -18.62 1.04 2.86
N TRP A 20 -17.63 1.92 2.75
CA TRP A 20 -16.62 1.69 1.73
C TRP A 20 -15.46 1.02 2.40
N THR A 21 -15.67 0.67 3.65
CA THR A 21 -14.72 -0.19 4.35
C THR A 21 -15.47 -1.29 5.06
N VAL A 22 -15.12 -2.53 4.74
CA VAL A 22 -15.88 -3.69 5.22
C VAL A 22 -15.00 -4.85 5.67
N GLN A 23 -15.56 -5.66 6.57
CA GLN A 23 -14.94 -6.87 7.09
C GLN A 23 -15.03 -7.93 6.03
N ASN A 24 -13.92 -8.66 5.80
CA ASN A 24 -13.90 -9.78 4.88
C ASN A 24 -15.04 -10.74 5.17
N GLY A 25 -15.79 -11.12 4.14
CA GLY A 25 -16.82 -12.13 4.30
C GLY A 25 -18.24 -11.64 4.52
N LYS A 26 -18.41 -10.34 4.77
CA LYS A 26 -19.74 -9.78 4.92
C LYS A 26 -20.37 -9.56 3.54
N ASN A 27 -21.71 -9.40 3.49
CA ASN A 27 -22.47 -9.16 2.27
C ASN A 27 -22.35 -7.67 1.89
N LEU A 28 -22.35 -7.32 0.59
CA LEU A 28 -22.11 -5.93 0.14
C LEU A 28 -22.94 -5.45 -1.05
N THR A 29 -23.42 -4.20 -1.02
CA THR A 29 -24.14 -3.74 -2.21
C THR A 29 -23.66 -2.38 -2.76
N LEU A 30 -23.43 -2.33 -4.08
CA LEU A 30 -22.94 -1.13 -4.74
C LEU A 30 -24.07 -0.51 -5.51
N GLN A 31 -24.18 0.83 -5.48
CA GLN A 31 -25.30 1.53 -6.12
C GLN A 31 -24.81 2.64 -7.01
N CYS A 32 -25.30 2.74 -8.24
CA CYS A 32 -24.97 3.88 -9.10
C CYS A 32 -26.25 4.64 -9.43
N PHE A 33 -26.51 5.73 -8.72
CA PHE A 33 -27.73 6.49 -9.01
C PHE A 33 -27.41 7.82 -9.69
N ALA A 34 -28.42 8.42 -10.32
CA ALA A 34 -28.24 9.69 -10.98
C ALA A 34 -29.37 10.66 -10.64
N ASP A 35 -29.15 11.94 -10.88
CA ASP A 35 -30.22 12.89 -10.69
C ASP A 35 -30.38 13.67 -11.97
N VAL A 36 -31.45 13.40 -12.70
CA VAL A 36 -31.65 14.07 -13.98
C VAL A 36 -32.91 14.93 -14.08
N SER A 37 -32.75 16.19 -14.47
CA SER A 37 -33.87 17.12 -14.59
C SER A 37 -34.40 17.10 -16.02
N THR A 38 -35.71 17.16 -16.23
CA THR A 38 -36.17 17.25 -17.60
C THR A 38 -37.49 17.98 -17.77
N THR A 39 -37.72 18.43 -19.00
CA THR A 39 -38.95 19.12 -19.36
C THR A 39 -39.80 18.14 -20.15
N SER A 40 -39.14 17.09 -20.61
CA SER A 40 -39.79 16.15 -21.49
C SER A 40 -40.80 15.37 -20.70
N HIS A 41 -41.69 14.72 -21.42
CA HIS A 41 -42.73 13.94 -20.82
C HIS A 41 -42.33 12.50 -20.87
N VAL A 42 -41.17 12.24 -21.47
CA VAL A 42 -40.84 10.89 -21.86
C VAL A 42 -39.94 10.18 -20.85
N LYS A 43 -40.13 8.87 -20.72
CA LYS A 43 -39.35 8.08 -19.76
C LYS A 43 -38.01 7.76 -20.40
N PRO A 44 -36.95 8.24 -19.75
CA PRO A 44 -35.60 8.16 -20.30
C PRO A 44 -34.99 6.78 -20.12
N GLN A 45 -34.00 6.46 -20.93
CA GLN A 45 -33.34 5.19 -20.76
C GLN A 45 -32.01 5.46 -20.08
N HIS A 46 -31.67 4.68 -19.04
CA HIS A 46 -30.41 4.88 -18.35
C HIS A 46 -29.50 3.71 -18.58
N GLN A 47 -28.22 3.99 -18.77
CA GLN A 47 -27.23 2.94 -18.79
C GLN A 47 -26.23 3.23 -17.72
N MET A 48 -26.09 2.26 -16.83
CA MET A 48 -25.14 2.31 -15.73
C MET A 48 -23.93 1.40 -16.05
N LEU A 49 -22.73 1.93 -15.92
CA LEU A 49 -21.52 1.16 -16.19
C LEU A 49 -20.58 1.11 -14.98
N PHE A 50 -20.34 -0.08 -14.44
CA PHE A 50 -19.53 -0.21 -13.24
C PHE A 50 -18.07 -0.57 -13.55
N TYR A 51 -17.16 0.25 -13.04
CA TYR A 51 -15.73 0.08 -13.24
C TYR A 51 -15.04 -0.22 -11.93
N LYS A 52 -14.24 -1.27 -11.90
CA LYS A 52 -13.28 -1.50 -10.82
C LYS A 52 -11.88 -1.33 -11.42
N ASP A 53 -11.13 -0.33 -10.97
CA ASP A 53 -9.81 -0.05 -11.50
C ASP A 53 -9.85 0.16 -13.01
N ASP A 54 -10.81 0.94 -13.46
CA ASP A 54 -11.05 1.28 -14.87
C ASP A 54 -11.34 0.06 -15.71
N VAL A 55 -11.84 -1.01 -15.11
CA VAL A 55 -12.29 -2.07 -15.99
C VAL A 55 -13.77 -2.38 -15.71
N LEU A 56 -14.49 -2.57 -16.81
CA LEU A 56 -15.95 -2.59 -16.78
C LEU A 56 -16.41 -3.93 -16.38
N PHE A 57 -17.07 -4.01 -15.23
CA PHE A 57 -17.58 -5.29 -14.78
C PHE A 57 -19.08 -5.42 -14.78
N TYR A 58 -19.81 -4.33 -14.98
CA TYR A 58 -21.27 -4.41 -15.05
C TYR A 58 -21.85 -3.34 -15.94
N ASN A 59 -22.60 -3.78 -16.93
CA ASN A 59 -23.23 -2.91 -17.91
C ASN A 59 -24.72 -3.18 -17.87
N ILE A 60 -25.51 -2.19 -17.44
CA ILE A 60 -26.94 -2.41 -17.33
C ILE A 60 -27.72 -1.22 -17.84
N SER A 61 -28.78 -1.52 -18.58
CA SER A 61 -29.66 -0.49 -19.08
C SER A 61 -30.97 -0.67 -18.37
N SER A 62 -31.49 0.41 -17.79
CA SER A 62 -32.76 0.35 -17.05
C SER A 62 -33.52 1.66 -17.11
N MET A 63 -34.82 1.57 -16.83
CA MET A 63 -35.70 2.75 -16.83
C MET A 63 -35.57 3.58 -15.55
N LYS A 64 -35.15 2.95 -14.44
CA LYS A 64 -34.98 3.66 -13.17
C LYS A 64 -33.59 4.31 -13.11
N SER A 65 -33.45 5.42 -12.37
CA SER A 65 -32.19 6.15 -12.31
C SER A 65 -31.17 5.63 -11.30
N THR A 66 -31.45 4.50 -10.67
CA THR A 66 -30.49 3.94 -9.75
C THR A 66 -30.44 2.44 -9.97
N GLU A 67 -29.26 1.87 -10.02
CA GLU A 67 -29.20 0.43 -10.11
C GLU A 67 -28.15 -0.07 -9.16
N SER A 68 -28.21 -1.36 -8.89
CA SER A 68 -27.40 -1.94 -7.84
C SER A 68 -26.65 -3.13 -8.31
N TYR A 69 -25.63 -3.45 -7.54
CA TYR A 69 -24.80 -4.64 -7.75
C TYR A 69 -24.49 -5.26 -6.42
N PHE A 70 -24.67 -6.58 -6.35
CA PHE A 70 -24.53 -7.27 -5.11
C PHE A 70 -23.27 -8.08 -5.07
N ILE A 71 -22.51 -7.90 -4.00
CA ILE A 71 -21.33 -8.72 -3.77
C ILE A 71 -21.51 -9.58 -2.53
N PRO A 72 -21.70 -10.89 -2.73
CA PRO A 72 -22.02 -11.85 -1.68
C PRO A 72 -21.10 -12.02 -0.49
N GLU A 73 -19.89 -12.38 -0.65
CA GLU A 73 -19.10 -12.60 0.54
C GLU A 73 -17.89 -11.87 0.05
N VAL A 74 -17.63 -10.71 0.63
CA VAL A 74 -16.63 -9.87 -0.02
C VAL A 74 -15.21 -10.19 0.48
N ARG A 75 -14.28 -10.41 -0.45
CA ARG A 75 -12.90 -10.80 -0.10
C ARG A 75 -11.92 -9.68 -0.39
N ILE A 76 -10.66 -9.87 -0.07
CA ILE A 76 -9.69 -8.79 -0.29
C ILE A 76 -9.45 -8.54 -1.74
N TYR A 77 -9.68 -9.56 -2.56
CA TYR A 77 -9.46 -9.39 -3.96
C TYR A 77 -10.59 -8.61 -4.58
N ASP A 78 -11.56 -8.23 -3.75
CA ASP A 78 -12.61 -7.40 -4.25
C ASP A 78 -12.27 -5.93 -4.03
N SER A 79 -11.41 -5.59 -3.08
CA SER A 79 -11.09 -4.15 -2.88
C SER A 79 -10.42 -3.57 -4.08
N GLY A 80 -10.58 -2.26 -4.24
CA GLY A 80 -10.07 -1.55 -5.38
C GLY A 80 -10.87 -0.26 -5.54
N THR A 81 -10.63 0.41 -6.66
CA THR A 81 -11.22 1.72 -6.92
C THR A 81 -12.48 1.59 -7.74
N TYR A 82 -13.58 2.12 -7.23
CA TYR A 82 -14.84 1.96 -7.92
C TYR A 82 -15.38 3.31 -8.41
N LYS A 83 -15.94 3.32 -9.61
CA LYS A 83 -16.60 4.48 -10.16
C LYS A 83 -17.65 4.00 -11.14
N CYS A 84 -18.68 4.80 -11.35
CA CYS A 84 -19.75 4.42 -12.28
C CYS A 84 -19.93 5.49 -13.35
N THR A 85 -20.17 5.10 -14.59
CA THR A 85 -20.52 6.12 -15.56
C THR A 85 -21.97 5.92 -15.94
N VAL A 86 -22.72 7.01 -15.94
CA VAL A 86 -24.11 6.86 -16.32
C VAL A 86 -24.43 7.73 -17.54
N ILE A 87 -25.09 7.11 -18.52
CA ILE A 87 -25.52 7.79 -19.72
C ILE A 87 -27.01 7.77 -19.79
N VAL A 88 -27.59 8.79 -20.41
CA VAL A 88 -29.02 8.78 -20.63
C VAL A 88 -29.37 8.71 -22.15
N ASN A 89 -29.43 9.82 -22.87
CA ASN A 89 -29.62 9.72 -24.30
C ASN A 89 -28.31 10.15 -24.85
N ASN A 90 -27.76 11.14 -24.16
CA ASN A 90 -26.40 11.58 -24.36
C ASN A 90 -25.89 11.97 -22.99
N LYS A 91 -24.95 12.92 -22.98
CA LYS A 91 -24.51 13.53 -21.71
C LYS A 91 -24.22 12.53 -20.61
N GLU A 92 -23.13 11.80 -20.74
CA GLU A 92 -22.77 10.93 -19.66
C GLU A 92 -22.19 11.80 -18.55
N LYS A 93 -22.25 11.30 -17.33
CA LYS A 93 -21.41 11.90 -16.33
C LYS A 93 -20.84 10.76 -15.54
N THR A 94 -19.64 10.95 -15.02
CA THR A 94 -19.06 9.86 -14.28
C THR A 94 -18.86 10.29 -12.82
N THR A 95 -19.07 9.36 -11.88
CA THR A 95 -18.87 9.60 -10.46
C THR A 95 -17.41 9.79 -10.15
N ALA A 96 -17.09 10.14 -8.90
CA ALA A 96 -15.70 10.17 -8.47
C ALA A 96 -15.18 8.78 -8.26
N GLU A 97 -13.95 8.69 -7.78
CA GLU A 97 -13.37 7.42 -7.41
C GLU A 97 -13.61 7.23 -5.94
N TYR A 98 -14.07 6.05 -5.58
CA TYR A 98 -14.37 5.66 -4.21
C TYR A 98 -13.50 4.48 -3.82
N GLN A 99 -12.78 4.54 -2.71
CA GLN A 99 -11.94 3.38 -2.35
C GLN A 99 -12.67 2.36 -1.50
N LEU A 100 -12.86 1.17 -2.08
CA LEU A 100 -13.44 0.09 -1.31
C LEU A 100 -12.28 -0.62 -0.65
N LEU A 101 -12.42 -0.80 0.65
CA LEU A 101 -11.40 -1.43 1.42
C LEU A 101 -11.99 -2.59 2.18
N VAL A 102 -11.58 -3.78 1.78
CA VAL A 102 -11.98 -4.97 2.49
C VAL A 102 -10.91 -5.24 3.48
N GLU A 103 -11.28 -5.33 4.76
CA GLU A 103 -10.28 -5.54 5.79
C GLU A 103 -10.46 -6.86 6.58
N GLY A 104 -9.33 -7.46 7.00
CA GLY A 104 -9.45 -8.70 7.74
C GLY A 104 -9.25 -9.94 6.89
N VAL A 105 -8.70 -10.98 7.50
CA VAL A 105 -8.48 -12.25 6.84
C VAL A 105 -9.28 -13.36 7.53
N PRO A 106 -9.99 -14.20 6.73
CA PRO A 106 -10.69 -15.35 7.30
C PRO A 106 -9.75 -16.20 8.11
N SER A 107 -10.21 -16.77 9.21
CA SER A 107 -9.32 -17.59 9.99
C SER A 107 -8.96 -18.81 9.12
N PRO A 108 -7.66 -19.15 9.10
CA PRO A 108 -7.08 -20.25 8.31
C PRO A 108 -7.46 -21.64 8.75
N ARG A 109 -7.59 -22.57 7.82
CA ARG A 109 -7.84 -23.95 8.15
C ARG A 109 -6.52 -24.71 8.27
N VAL A 110 -6.30 -25.36 9.40
CA VAL A 110 -5.08 -26.12 9.62
C VAL A 110 -5.38 -27.61 9.54
N THR A 111 -4.67 -28.35 8.68
CA THR A 111 -4.91 -29.81 8.53
C THR A 111 -3.59 -30.59 8.60
N LEU A 112 -3.64 -31.83 9.10
CA LEU A 112 -2.43 -32.65 9.27
C LEU A 112 -2.50 -34.02 8.62
N ASP A 113 -1.35 -34.61 8.34
CA ASP A 113 -1.32 -35.99 7.83
C ASP A 113 -1.59 -37.05 8.89
N LYS A 114 -0.99 -36.92 10.07
CA LYS A 114 -1.17 -37.90 11.12
C LYS A 114 -1.73 -37.27 12.39
N LYS A 115 -2.63 -38.00 13.03
CA LYS A 115 -3.13 -37.67 14.33
C LYS A 115 -2.14 -38.15 15.36
N GLU A 116 -1.43 -39.23 15.04
CA GLU A 116 -0.37 -39.72 15.90
C GLU A 116 0.92 -40.04 15.13
N ALA A 117 2.05 -39.53 15.61
CA ALA A 117 3.33 -39.70 14.89
C ALA A 117 4.32 -40.51 15.70
N ILE A 118 5.55 -40.67 15.22
CA ILE A 118 6.59 -41.35 16.01
C ILE A 118 7.86 -40.58 15.93
N GLN A 119 8.79 -40.82 16.84
CA GLN A 119 9.91 -39.91 16.97
C GLN A 119 10.72 -39.97 15.73
N GLY A 120 11.33 -38.87 15.37
CA GLY A 120 12.11 -38.86 14.14
C GLY A 120 11.26 -38.73 12.89
N GLY A 121 9.94 -38.95 12.99
CA GLY A 121 9.10 -38.87 11.82
C GLY A 121 8.89 -37.40 11.50
N ILE A 122 7.85 -37.07 10.72
CA ILE A 122 7.54 -35.67 10.38
C ILE A 122 6.03 -35.49 10.39
N VAL A 123 5.60 -34.24 10.52
CA VAL A 123 4.19 -33.93 10.39
C VAL A 123 4.10 -32.98 9.24
N ARG A 124 3.16 -33.24 8.34
CA ARG A 124 2.95 -32.36 7.20
C ARG A 124 1.75 -31.44 7.45
N VAL A 125 2.07 -30.19 7.70
CA VAL A 125 1.06 -29.23 8.07
C VAL A 125 0.51 -28.47 6.87
N ASN A 126 -0.80 -28.60 6.65
CA ASN A 126 -1.47 -27.90 5.56
C ASN A 126 -2.21 -26.70 6.09
N CYS A 127 -1.63 -25.52 5.99
CA CYS A 127 -2.36 -24.35 6.41
C CYS A 127 -3.01 -23.60 5.26
N SER A 128 -4.32 -23.36 5.29
CA SER A 128 -4.95 -22.71 4.14
C SER A 128 -5.90 -21.58 4.49
N VAL A 129 -6.28 -20.78 3.49
CA VAL A 129 -7.33 -19.76 3.57
C VAL A 129 -8.18 -19.86 2.32
N PRO A 130 -9.09 -20.85 2.25
CA PRO A 130 -9.76 -21.24 1.01
C PRO A 130 -10.54 -20.14 0.35
N GLU A 131 -11.16 -19.28 1.17
CA GLU A 131 -12.00 -18.24 0.60
C GLU A 131 -11.19 -17.14 -0.13
N GLU A 132 -9.89 -17.08 0.11
CA GLU A 132 -9.10 -16.01 -0.48
C GLU A 132 -8.26 -16.39 -1.71
N LYS A 133 -7.38 -15.48 -2.10
CA LYS A 133 -6.61 -15.69 -3.30
C LYS A 133 -5.14 -15.40 -3.05
N ALA A 134 -4.29 -16.16 -3.74
CA ALA A 134 -2.87 -15.98 -3.63
C ALA A 134 -2.48 -14.56 -4.11
N PRO A 135 -1.37 -14.00 -3.60
CA PRO A 135 -0.42 -14.62 -2.68
C PRO A 135 -0.69 -14.29 -1.21
N ILE A 136 -0.58 -15.34 -0.40
CA ILE A 136 -0.75 -15.28 1.04
C ILE A 136 0.57 -15.63 1.71
N HIS A 137 0.92 -14.93 2.79
CA HIS A 137 2.06 -15.28 3.60
C HIS A 137 1.65 -16.04 4.89
N PHE A 138 2.25 -17.21 5.13
CA PHE A 138 1.88 -18.07 6.24
C PHE A 138 2.93 -18.12 7.31
N THR A 139 2.50 -18.15 8.57
CA THR A 139 3.45 -18.39 9.67
C THR A 139 3.00 -19.57 10.49
N ILE A 140 3.75 -20.66 10.50
CA ILE A 140 3.29 -21.79 11.27
C ILE A 140 4.25 -22.10 12.38
N GLU A 141 3.72 -22.17 13.60
CA GLU A 141 4.49 -22.42 14.80
C GLU A 141 4.13 -23.79 15.34
N LYS A 142 5.14 -24.54 15.76
CA LYS A 142 4.95 -25.86 16.41
C LYS A 142 5.00 -25.70 17.92
N LEU A 143 3.94 -26.13 18.60
CA LEU A 143 3.90 -26.05 20.04
C LEU A 143 3.84 -27.42 20.64
N GLU A 144 4.74 -27.66 21.57
CA GLU A 144 4.60 -28.79 22.46
C GLU A 144 3.84 -28.16 23.62
N LEU A 145 2.79 -28.83 24.11
CA LEU A 145 1.93 -28.17 25.07
C LEU A 145 2.56 -28.06 26.45
N ASN A 146 3.33 -29.08 26.84
CA ASN A 146 4.03 -29.12 28.11
C ASN A 146 4.76 -27.86 28.47
N GLU A 147 5.29 -27.19 27.46
CA GLU A 147 5.93 -25.90 27.66
C GLU A 147 5.50 -24.93 26.57
N LYS A 148 4.78 -23.87 26.97
CA LYS A 148 4.24 -22.94 26.00
C LYS A 148 5.32 -22.04 25.40
N MET A 149 6.43 -22.68 25.03
CA MET A 149 7.49 -22.09 24.25
C MET A 149 7.16 -22.42 22.80
N VAL A 150 7.52 -21.53 21.89
CA VAL A 150 7.39 -21.84 20.49
C VAL A 150 8.61 -22.66 20.07
N LYS A 151 8.43 -23.98 19.94
CA LYS A 151 9.60 -24.81 19.66
C LYS A 151 10.19 -24.50 18.30
N LEU A 152 9.33 -24.30 17.31
CA LEU A 152 9.80 -24.01 15.97
C LEU A 152 8.89 -23.06 15.22
N LYS A 153 9.49 -22.10 14.52
CA LYS A 153 8.67 -21.17 13.76
C LYS A 153 9.13 -21.13 12.30
N ARG A 154 8.27 -21.53 11.38
CA ARG A 154 8.64 -21.60 9.97
C ARG A 154 7.65 -20.83 9.10
N GLU A 155 8.08 -19.69 8.57
CA GLU A 155 7.20 -18.89 7.74
C GLU A 155 7.45 -19.15 6.26
N LYS A 156 6.43 -19.00 5.45
CA LYS A 156 6.55 -19.26 4.02
C LYS A 156 5.56 -18.41 3.29
N ASN A 157 5.88 -18.11 2.05
CA ASN A 157 5.08 -17.18 1.27
C ASN A 157 4.60 -17.91 0.04
N SER A 158 3.36 -18.41 0.06
CA SER A 158 2.78 -19.04 -1.13
C SER A 158 2.61 -17.95 -2.09
N ARG A 159 2.76 -18.22 -3.38
CA ARG A 159 2.55 -17.14 -4.33
C ARG A 159 1.45 -17.54 -5.29
N ASP A 160 1.54 -18.77 -5.75
CA ASP A 160 0.62 -19.33 -6.73
C ASP A 160 -0.68 -19.74 -6.03
N GLN A 161 -0.58 -20.19 -4.77
CA GLN A 161 -1.64 -20.94 -4.13
C GLN A 161 -2.29 -20.38 -2.88
N ASN A 162 -3.39 -21.04 -2.54
CA ASN A 162 -4.27 -20.72 -1.42
C ASN A 162 -3.80 -21.10 -0.02
N PHE A 163 -2.63 -21.74 0.07
CA PHE A 163 -2.21 -22.48 1.26
C PHE A 163 -0.74 -22.82 1.21
N VAL A 164 -0.20 -23.39 2.28
CA VAL A 164 1.16 -23.89 2.26
C VAL A 164 1.10 -25.25 2.84
N ILE A 165 2.15 -26.05 2.64
CA ILE A 165 2.32 -27.31 3.34
C ILE A 165 3.71 -27.30 3.87
N LEU A 166 3.85 -27.21 5.19
CA LEU A 166 5.14 -27.15 5.80
C LEU A 166 5.37 -28.40 6.56
N GLU A 167 6.54 -29.00 6.39
CA GLU A 167 6.85 -30.23 7.08
C GLU A 167 7.52 -29.91 8.38
N PHE A 168 7.02 -30.48 9.46
CA PHE A 168 7.61 -30.23 10.76
C PHE A 168 8.17 -31.54 11.31
N PRO A 169 9.36 -31.49 11.91
CA PRO A 169 10.05 -32.68 12.45
C PRO A 169 9.66 -32.97 13.90
N VAL A 170 9.42 -34.23 14.24
CA VAL A 170 9.22 -34.57 15.65
C VAL A 170 10.58 -34.87 16.31
N GLU A 171 11.01 -34.01 17.23
CA GLU A 171 12.30 -34.23 17.88
C GLU A 171 12.09 -35.25 18.98
N GLU A 172 13.17 -35.94 19.35
CA GLU A 172 13.10 -37.11 20.20
C GLU A 172 12.47 -36.76 21.55
N GLN A 173 12.54 -35.50 21.97
CA GLN A 173 11.90 -35.10 23.22
C GLN A 173 10.47 -34.51 23.03
N ASP A 174 9.57 -35.23 22.34
CA ASP A 174 8.21 -34.73 22.04
C ASP A 174 7.13 -35.73 22.46
N ARG A 175 5.97 -35.20 22.85
CA ARG A 175 4.87 -36.00 23.40
C ARG A 175 3.53 -35.70 22.76
N VAL A 176 3.02 -34.51 23.03
CA VAL A 176 1.80 -34.11 22.39
C VAL A 176 2.07 -32.80 21.66
N LEU A 177 1.83 -32.79 20.36
CA LEU A 177 2.13 -31.63 19.58
C LEU A 177 0.92 -30.91 19.13
N SER A 178 1.09 -29.63 18.88
CA SER A 178 0.05 -28.82 18.31
C SER A 178 0.58 -27.78 17.32
N PHE A 179 -0.15 -27.48 16.24
CA PHE A 179 0.36 -26.50 15.28
C PHE A 179 -0.53 -25.27 15.08
N ARG A 180 0.10 -24.09 15.01
CA ARG A 180 -0.61 -22.82 15.06
C ARG A 180 -0.30 -21.96 13.84
N CYS A 181 -1.30 -21.75 13.00
CA CYS A 181 -1.05 -21.03 11.77
C CYS A 181 -1.79 -19.71 11.71
N GLN A 182 -1.09 -18.63 11.39
CA GLN A 182 -1.85 -17.44 11.00
C GLN A 182 -1.37 -16.99 9.63
N ALA A 183 -2.33 -16.53 8.83
CA ALA A 183 -2.06 -16.09 7.47
C ALA A 183 -2.15 -14.59 7.33
N ARG A 184 -1.27 -14.00 6.55
CA ARG A 184 -1.34 -12.57 6.29
C ARG A 184 -1.25 -12.33 4.76
N ILE A 185 -1.95 -11.30 4.30
CA ILE A 185 -2.12 -11.01 2.90
C ILE A 185 -1.89 -9.55 2.63
N ILE A 186 -1.08 -9.23 1.64
CA ILE A 186 -0.75 -7.85 1.27
C ILE A 186 -1.94 -7.24 0.55
N SER A 187 -2.68 -6.38 1.29
CA SER A 187 -3.90 -5.72 0.85
C SER A 187 -3.53 -4.82 -0.30
N GLY A 188 -2.49 -4.03 -0.09
CA GLY A 188 -2.05 -3.09 -1.09
C GLY A 188 -0.60 -2.73 -0.96
N ILE A 189 0.00 -2.50 -2.11
CA ILE A 189 1.40 -2.14 -2.20
C ILE A 189 1.60 -1.10 -3.30
N HIS A 190 2.36 -0.04 -3.04
CA HIS A 190 2.67 0.84 -4.15
C HIS A 190 4.17 0.93 -4.29
N MET A 191 4.61 0.73 -5.53
CA MET A 191 6.01 0.71 -5.89
C MET A 191 6.25 1.66 -7.06
N GLN A 192 7.32 2.46 -6.97
CA GLN A 192 7.59 3.45 -7.98
C GLN A 192 9.02 3.46 -8.51
N THR A 193 9.18 3.85 -9.77
CA THR A 193 10.48 3.85 -10.37
C THR A 193 10.87 5.25 -10.87
N SER A 194 12.14 5.60 -10.68
CA SER A 194 12.67 6.82 -11.25
C SER A 194 13.00 6.53 -12.69
N GLU A 195 13.50 7.51 -13.44
CA GLU A 195 14.03 7.16 -14.75
C GLU A 195 15.53 7.11 -14.62
N SER A 196 16.13 6.36 -15.52
CA SER A 196 17.54 6.06 -15.52
C SER A 196 18.35 7.29 -15.75
N THR A 197 19.53 7.40 -15.14
CA THR A 197 20.41 8.51 -15.47
C THR A 197 21.81 7.92 -15.78
N LYS A 198 22.64 8.65 -16.53
CA LYS A 198 23.95 8.16 -16.98
C LYS A 198 25.07 9.01 -16.44
N SER A 199 26.28 8.62 -16.77
CA SER A 199 27.39 9.28 -16.12
C SER A 199 28.46 9.70 -17.09
N GLU A 200 29.40 10.48 -16.58
CA GLU A 200 30.51 10.92 -17.38
C GLU A 200 31.10 9.65 -17.95
N LEU A 201 31.52 9.71 -19.20
CA LEU A 201 32.10 8.54 -19.86
C LEU A 201 33.44 8.25 -19.25
N VAL A 202 33.78 6.99 -19.09
CA VAL A 202 35.13 6.73 -18.64
C VAL A 202 35.89 6.08 -19.79
N THR A 203 37.11 6.53 -20.06
CA THR A 203 37.74 6.00 -21.24
C THR A 203 38.90 5.10 -20.83
N VAL A 204 38.64 3.79 -20.75
CA VAL A 204 39.71 2.84 -20.47
C VAL A 204 40.75 3.05 -21.57
N SER A 205 42.00 3.25 -21.18
CA SER A 205 43.01 3.60 -22.16
C SER A 205 44.07 2.51 -22.35
N ARG A 206 43.60 1.29 -22.61
CA ARG A 206 44.46 0.21 -23.09
C ARG A 206 43.64 -0.94 -23.65
N SER B 6 -19.65 26.00 27.20
CA SER B 6 -20.58 26.86 26.48
C SER B 6 -20.33 26.76 24.97
N PHE B 7 -19.19 26.16 24.62
CA PHE B 7 -18.84 25.94 23.23
C PHE B 7 -18.85 24.48 22.90
N THR B 8 -19.29 24.14 21.70
CA THR B 8 -19.23 22.76 21.24
C THR B 8 -18.47 22.77 19.91
N ILE B 9 -17.51 21.85 19.77
CA ILE B 9 -16.68 21.77 18.57
C ILE B 9 -17.44 20.96 17.57
N ASN B 10 -18.04 21.62 16.60
CA ASN B 10 -19.00 20.91 15.78
C ASN B 10 -18.30 19.92 14.93
N SER B 11 -17.37 20.42 14.12
CA SER B 11 -16.67 19.57 13.17
C SER B 11 -15.18 19.89 13.13
N VAL B 12 -14.41 18.87 12.74
CA VAL B 12 -13.00 19.06 12.53
C VAL B 12 -12.67 18.46 11.19
N ASP B 13 -11.77 19.13 10.47
CA ASP B 13 -11.41 18.71 9.15
C ASP B 13 -9.95 19.03 8.86
N MET B 14 -9.38 18.31 7.92
CA MET B 14 -8.00 18.54 7.52
C MET B 14 -7.93 18.71 6.00
N LYS B 15 -7.08 19.60 5.51
CA LYS B 15 -6.90 19.62 4.07
C LYS B 15 -5.44 19.72 3.65
N SER B 16 -5.12 19.17 2.49
CA SER B 16 -3.77 19.36 1.99
C SER B 16 -3.88 19.97 0.61
N LEU B 17 -3.11 21.05 0.43
CA LEU B 17 -3.11 21.82 -0.81
C LEU B 17 -1.77 21.64 -1.51
N PRO B 18 -1.81 21.36 -2.82
CA PRO B 18 -2.98 21.42 -3.71
C PRO B 18 -3.96 20.26 -3.60
N ASP B 19 -3.48 19.09 -3.23
CA ASP B 19 -4.29 17.89 -3.22
C ASP B 19 -3.70 16.89 -2.22
N TRP B 20 -4.27 15.69 -2.17
CA TRP B 20 -3.74 14.63 -1.32
C TRP B 20 -2.87 13.67 -2.14
N THR B 21 -2.72 14.02 -3.41
CA THR B 21 -1.81 13.36 -4.34
C THR B 21 -1.00 14.46 -5.03
N VAL B 22 0.31 14.43 -4.83
CA VAL B 22 1.17 15.50 -5.30
C VAL B 22 2.46 14.94 -5.93
N GLN B 23 3.03 15.64 -6.90
CA GLN B 23 4.27 15.21 -7.50
C GLN B 23 5.43 15.45 -6.55
N ASN B 24 6.32 14.47 -6.44
CA ASN B 24 7.50 14.59 -5.60
C ASN B 24 8.29 15.88 -5.87
N GLY B 25 8.66 16.56 -4.79
CA GLY B 25 9.55 17.70 -4.89
C GLY B 25 8.82 19.02 -4.95
N LYS B 26 7.51 18.94 -5.20
CA LYS B 26 6.65 20.12 -5.29
C LYS B 26 6.26 20.59 -3.87
N ASN B 27 5.75 21.82 -3.72
CA ASN B 27 5.36 22.27 -2.37
C ASN B 27 4.02 21.72 -1.95
N LEU B 28 3.86 21.55 -0.66
CA LEU B 28 2.63 20.98 -0.14
C LEU B 28 2.28 21.68 1.16
N THR B 29 1.01 22.00 1.36
CA THR B 29 0.61 22.61 2.61
C THR B 29 -0.58 21.90 3.26
N LEU B 30 -0.41 21.61 4.54
CA LEU B 30 -1.36 20.86 5.33
C LEU B 30 -2.17 21.80 6.22
N GLN B 31 -3.49 21.63 6.21
CA GLN B 31 -4.43 22.54 6.92
C GLN B 31 -5.36 21.82 7.90
N CYS B 32 -5.59 22.45 9.05
CA CYS B 32 -6.56 21.93 10.00
C CYS B 32 -7.78 22.84 10.18
N PHE B 33 -8.91 22.46 9.58
CA PHE B 33 -10.09 23.30 9.61
C PHE B 33 -11.00 22.91 10.79
N ALA B 34 -11.74 23.88 11.33
CA ALA B 34 -12.73 23.60 12.39
C ALA B 34 -13.96 24.50 12.27
N ASP B 35 -15.05 24.04 12.87
CA ASP B 35 -16.27 24.81 12.98
C ASP B 35 -16.70 24.73 14.42
N VAL B 36 -16.48 25.80 15.13
CA VAL B 36 -16.79 25.81 16.54
C VAL B 36 -17.84 26.84 16.83
N SER B 37 -18.89 26.41 17.53
CA SER B 37 -19.99 27.30 18.00
C SER B 37 -19.79 27.64 19.47
N THR B 38 -20.07 28.87 19.86
CA THR B 38 -19.94 29.26 21.25
C THR B 38 -21.09 30.24 21.54
N THR B 39 -21.39 30.49 22.80
CA THR B 39 -22.48 31.41 23.09
C THR B 39 -21.86 32.70 23.53
N SER B 40 -20.57 32.63 23.77
CA SER B 40 -19.85 33.79 24.22
C SER B 40 -19.56 34.76 23.09
N HIS B 41 -19.18 35.95 23.49
CA HIS B 41 -18.71 36.95 22.57
C HIS B 41 -17.18 36.91 22.65
N VAL B 42 -16.65 35.96 23.41
CA VAL B 42 -15.22 35.99 23.73
C VAL B 42 -14.41 35.07 22.84
N LYS B 43 -13.19 35.49 22.52
CA LYS B 43 -12.36 34.76 21.56
C LYS B 43 -11.64 33.57 22.17
N PRO B 44 -11.93 32.37 21.65
CA PRO B 44 -11.42 31.08 22.11
C PRO B 44 -9.98 30.73 21.72
N GLN B 45 -9.39 29.86 22.53
CA GLN B 45 -8.05 29.37 22.30
C GLN B 45 -8.13 28.00 21.70
N HIS B 46 -7.32 27.77 20.67
CA HIS B 46 -7.27 26.49 20.00
C HIS B 46 -5.91 25.88 20.22
N GLN B 47 -5.88 24.57 20.37
CA GLN B 47 -4.61 23.91 20.25
C GLN B 47 -4.75 22.88 19.15
N MET B 48 -3.91 23.01 18.12
CA MET B 48 -3.91 22.08 17.00
C MET B 48 -2.70 21.16 17.13
N LEU B 49 -2.93 19.85 17.10
CA LEU B 49 -1.87 18.85 17.19
C LEU B 49 -1.88 18.02 15.94
N PHE B 50 -0.77 18.09 15.20
CA PHE B 50 -0.59 17.41 13.92
C PHE B 50 0.17 16.10 14.07
N TYR B 51 -0.42 14.98 13.63
CA TYR B 51 0.24 13.67 13.75
C TYR B 51 0.60 13.05 12.43
N LYS B 52 1.84 12.56 12.35
CA LYS B 52 2.25 11.68 11.26
C LYS B 52 2.48 10.32 11.91
N ASP B 53 1.66 9.35 11.52
CA ASP B 53 1.74 7.99 12.06
C ASP B 53 1.71 7.99 13.57
N ASP B 54 0.77 8.75 14.12
CA ASP B 54 0.50 8.68 15.54
C ASP B 54 1.69 9.09 16.42
N VAL B 55 2.56 9.94 15.88
CA VAL B 55 3.55 10.64 16.67
C VAL B 55 3.47 12.17 16.41
N LEU B 56 3.75 12.96 17.45
CA LEU B 56 3.56 14.42 17.42
C LEU B 56 4.71 15.14 16.78
N PHE B 57 4.46 15.70 15.59
CA PHE B 57 5.49 16.46 14.91
C PHE B 57 5.16 17.93 14.86
N TYR B 58 3.91 18.26 15.15
CA TYR B 58 3.54 19.65 15.23
C TYR B 58 2.42 19.84 16.21
N ASN B 59 2.74 20.68 17.19
CA ASN B 59 1.88 21.12 18.28
C ASN B 59 1.86 22.65 18.30
N ILE B 60 0.72 23.26 17.97
CA ILE B 60 0.64 24.73 17.92
C ILE B 60 -0.65 25.22 18.60
N SER B 61 -0.53 26.29 19.37
CA SER B 61 -1.68 26.89 20.01
C SER B 61 -1.92 28.26 19.41
N SER B 62 -3.10 28.48 18.86
CA SER B 62 -3.34 29.76 18.21
C SER B 62 -4.77 30.24 18.33
N MET B 63 -4.94 31.53 18.08
CA MET B 63 -6.24 32.13 18.19
C MET B 63 -7.10 31.81 17.01
N LYS B 64 -6.47 31.45 15.89
CA LYS B 64 -7.22 31.18 14.70
C LYS B 64 -7.80 29.78 14.68
N SER B 65 -8.97 29.62 14.09
CA SER B 65 -9.64 28.32 14.07
C SER B 65 -9.17 27.43 12.95
N THR B 66 -8.20 27.92 12.18
CA THR B 66 -7.59 27.13 11.12
C THR B 66 -6.09 27.36 11.18
N GLU B 67 -5.30 26.29 11.20
CA GLU B 67 -3.85 26.46 11.20
C GLU B 67 -3.27 25.49 10.18
N SER B 68 -2.04 25.74 9.77
CA SER B 68 -1.46 24.97 8.67
C SER B 68 -0.05 24.51 8.94
N TYR B 69 0.42 23.55 8.12
CA TYR B 69 1.79 23.08 8.19
C TYR B 69 2.38 23.05 6.79
N PHE B 70 3.54 23.67 6.59
CA PHE B 70 4.09 23.74 5.22
C PHE B 70 5.39 22.94 4.96
N ILE B 71 5.35 22.05 3.96
CA ILE B 71 6.54 21.32 3.56
C ILE B 71 6.93 21.73 2.12
N PRO B 72 8.05 22.48 2.01
CA PRO B 72 8.57 23.10 0.80
C PRO B 72 8.76 22.12 -0.34
N GLU B 73 9.53 21.07 -0.12
CA GLU B 73 9.73 20.02 -1.12
C GLU B 73 9.19 18.71 -0.62
N VAL B 74 8.12 18.24 -1.22
CA VAL B 74 7.51 17.05 -0.67
C VAL B 74 8.09 15.79 -1.24
N ARG B 75 8.54 14.91 -0.36
CA ARG B 75 9.16 13.65 -0.80
C ARG B 75 8.27 12.51 -0.38
N ILE B 76 8.67 11.30 -0.76
CA ILE B 76 7.89 10.10 -0.41
C ILE B 76 8.03 9.74 1.08
N TYR B 77 9.12 10.16 1.70
CA TYR B 77 9.26 9.91 3.13
C TYR B 77 8.39 10.86 3.90
N ASP B 78 7.75 11.79 3.21
CA ASP B 78 6.82 12.70 3.82
C ASP B 78 5.47 12.10 3.85
N SER B 79 5.21 11.19 2.90
CA SER B 79 3.93 10.50 2.86
C SER B 79 3.69 9.71 4.15
N GLY B 80 2.43 9.48 4.49
CA GLY B 80 2.12 8.82 5.75
C GLY B 80 0.72 9.05 6.26
N THR B 81 0.50 8.73 7.54
CA THR B 81 -0.82 8.80 8.19
C THR B 81 -0.97 10.16 8.90
N TYR B 82 -1.89 11.00 8.46
CA TYR B 82 -2.01 12.34 9.03
C TYR B 82 -3.36 12.50 9.72
N LYS B 83 -3.36 13.15 10.89
CA LYS B 83 -4.59 13.49 11.58
C LYS B 83 -4.37 14.78 12.38
N CYS B 84 -5.44 15.52 12.64
CA CYS B 84 -5.34 16.72 13.47
C CYS B 84 -6.26 16.55 14.68
N THR B 85 -5.73 16.85 15.86
CA THR B 85 -6.58 16.93 17.04
C THR B 85 -6.60 18.40 17.35
N VAL B 86 -7.79 18.95 17.55
CA VAL B 86 -7.92 20.33 17.99
C VAL B 86 -8.64 20.37 19.31
N ILE B 87 -8.04 21.04 20.27
CA ILE B 87 -8.72 21.19 21.54
C ILE B 87 -8.94 22.65 21.78
N VAL B 88 -10.00 22.92 22.52
CA VAL B 88 -10.26 24.27 22.98
C VAL B 88 -9.98 24.16 24.47
N ASN B 89 -10.35 25.15 25.27
CA ASN B 89 -10.10 25.11 26.72
C ASN B 89 -10.16 23.74 27.41
N ASN B 90 -11.16 22.96 27.01
CA ASN B 90 -11.22 21.52 27.29
C ASN B 90 -11.88 20.96 26.06
N LYS B 91 -12.47 19.78 26.15
CA LYS B 91 -13.13 19.17 25.01
C LYS B 91 -12.21 19.05 23.74
N GLU B 92 -12.52 18.08 22.88
CA GLU B 92 -11.74 17.85 21.67
C GLU B 92 -12.62 17.21 20.60
N LYS B 93 -12.23 17.34 19.35
CA LYS B 93 -12.72 16.42 18.35
C LYS B 93 -11.56 16.16 17.40
N THR B 94 -11.50 14.96 16.87
CA THR B 94 -10.35 14.62 16.05
C THR B 94 -10.85 14.42 14.65
N THR B 95 -9.96 14.75 13.71
CA THR B 95 -10.19 14.73 12.27
C THR B 95 -10.54 13.34 11.75
N ALA B 96 -10.82 13.29 10.45
CA ALA B 96 -10.94 12.01 9.73
C ALA B 96 -9.58 11.34 9.58
N GLU B 97 -9.53 10.31 8.73
CA GLU B 97 -8.28 9.64 8.38
C GLU B 97 -7.69 10.33 7.14
N TYR B 98 -6.41 10.70 7.17
CA TYR B 98 -5.91 11.28 5.93
C TYR B 98 -4.63 10.68 5.38
N GLN B 99 -4.78 10.14 4.18
CA GLN B 99 -3.67 9.56 3.45
C GLN B 99 -3.29 10.36 2.20
N LEU B 100 -2.13 11.01 2.25
CA LEU B 100 -1.57 11.67 1.06
C LEU B 100 -0.58 10.72 0.40
N LEU B 101 -0.57 10.67 -0.91
CA LEU B 101 0.35 9.83 -1.65
C LEU B 101 1.13 10.71 -2.65
N VAL B 102 2.44 10.78 -2.47
CA VAL B 102 3.37 11.55 -3.32
C VAL B 102 3.86 10.68 -4.48
N GLU B 103 3.81 11.18 -5.71
CA GLU B 103 4.17 10.34 -6.83
C GLU B 103 5.43 10.82 -7.53
N GLY B 104 6.19 9.85 -8.07
CA GLY B 104 7.42 10.10 -8.80
C GLY B 104 8.70 9.94 -8.00
N VAL B 105 9.75 9.42 -8.63
CA VAL B 105 11.04 9.28 -7.94
C VAL B 105 12.07 10.16 -8.65
N PRO B 106 12.80 11.00 -7.88
CA PRO B 106 13.83 11.92 -8.39
C PRO B 106 14.85 11.21 -9.23
N SER B 107 15.40 11.85 -10.24
CA SER B 107 16.43 11.16 -10.97
C SER B 107 17.65 10.95 -10.06
N PRO B 108 18.22 9.74 -10.07
CA PRO B 108 19.40 9.40 -9.25
C PRO B 108 20.70 10.14 -9.65
N ARG B 109 21.55 10.48 -8.70
CA ARG B 109 22.82 11.06 -9.06
C ARG B 109 23.88 9.98 -9.10
N VAL B 110 24.54 9.87 -10.26
CA VAL B 110 25.60 8.88 -10.51
C VAL B 110 26.95 9.52 -10.53
N THR B 111 27.88 9.06 -9.70
CA THR B 111 29.22 9.63 -9.69
C THR B 111 30.31 8.56 -9.60
N LEU B 112 31.49 8.82 -10.18
CA LEU B 112 32.50 7.78 -10.28
C LEU B 112 33.83 8.22 -9.65
N ASP B 113 34.68 7.26 -9.28
CA ASP B 113 35.96 7.62 -8.69
C ASP B 113 36.86 8.14 -9.78
N LYS B 114 36.86 7.50 -10.94
CA LYS B 114 37.79 7.89 -12.02
C LYS B 114 37.08 8.26 -13.33
N LYS B 115 37.56 9.29 -14.02
CA LYS B 115 37.09 9.61 -15.38
C LYS B 115 37.76 8.76 -16.44
N GLU B 116 38.96 8.28 -16.17
CA GLU B 116 39.61 7.36 -17.09
C GLU B 116 40.23 6.21 -16.32
N ALA B 117 40.05 4.98 -16.80
CA ALA B 117 40.60 3.83 -16.09
C ALA B 117 41.57 3.11 -16.99
N ILE B 118 42.00 1.95 -16.50
CA ILE B 118 42.87 1.06 -17.25
C ILE B 118 42.37 -0.35 -17.13
N GLN B 119 42.99 -1.26 -17.86
CA GLN B 119 42.44 -2.57 -18.12
C GLN B 119 42.23 -3.46 -16.93
N GLY B 120 43.29 -3.68 -16.17
CA GLY B 120 43.20 -4.55 -15.02
C GLY B 120 42.39 -3.92 -13.90
N GLY B 121 42.16 -2.61 -13.99
CA GLY B 121 41.53 -1.86 -12.91
C GLY B 121 40.04 -1.94 -12.65
N ILE B 122 39.53 -0.98 -11.88
CA ILE B 122 38.14 -0.99 -11.48
C ILE B 122 37.54 0.44 -11.44
N VAL B 123 36.21 0.54 -11.63
CA VAL B 123 35.49 1.80 -11.47
C VAL B 123 34.44 1.68 -10.38
N ARG B 124 34.40 2.68 -9.48
CA ARG B 124 33.44 2.69 -8.38
C ARG B 124 32.24 3.63 -8.66
N VAL B 125 31.06 3.05 -8.81
CA VAL B 125 29.89 3.86 -9.11
C VAL B 125 29.11 4.20 -7.82
N ASN B 126 28.97 5.49 -7.49
CA ASN B 126 28.20 5.94 -6.33
C ASN B 126 26.89 6.44 -6.85
N CYS B 127 25.86 5.60 -6.89
CA CYS B 127 24.55 6.09 -7.32
C CYS B 127 23.60 6.41 -6.17
N SER B 128 23.08 7.61 -6.15
CA SER B 128 22.25 8.01 -5.03
C SER B 128 20.95 8.61 -5.45
N VAL B 129 20.04 8.75 -4.48
CA VAL B 129 18.83 9.53 -4.65
C VAL B 129 18.72 10.40 -3.43
N PRO B 130 19.54 11.43 -3.37
CA PRO B 130 19.75 12.13 -2.12
C PRO B 130 18.47 12.75 -1.57
N GLU B 131 17.55 13.23 -2.40
CA GLU B 131 16.40 13.91 -1.81
C GLU B 131 15.51 12.92 -1.05
N GLU B 132 15.69 11.62 -1.25
CA GLU B 132 14.82 10.63 -0.60
C GLU B 132 15.46 9.92 0.59
N LYS B 133 14.87 8.82 1.06
CA LYS B 133 15.43 8.11 2.22
C LYS B 133 15.43 6.59 2.06
N ALA B 134 16.14 5.92 2.97
CA ALA B 134 16.24 4.48 2.93
C ALA B 134 14.87 3.84 3.10
N PRO B 135 14.63 2.68 2.46
CA PRO B 135 15.47 1.86 1.61
C PRO B 135 15.16 2.15 0.16
N ILE B 136 16.21 2.27 -0.65
CA ILE B 136 16.03 2.46 -2.07
C ILE B 136 16.70 1.30 -2.76
N HIS B 137 16.08 0.83 -3.83
CA HIS B 137 16.63 -0.20 -4.68
C HIS B 137 17.32 0.30 -5.95
N PHE B 138 18.56 -0.11 -6.18
CA PHE B 138 19.27 0.40 -7.36
C PHE B 138 19.51 -0.65 -8.44
N THR B 139 19.41 -0.23 -9.69
CA THR B 139 19.75 -1.06 -10.82
C THR B 139 20.79 -0.31 -11.63
N ILE B 140 22.02 -0.84 -11.67
CA ILE B 140 23.11 -0.17 -12.38
C ILE B 140 23.61 -0.97 -13.54
N GLU B 141 23.58 -0.39 -14.74
CA GLU B 141 24.02 -1.11 -15.92
C GLU B 141 25.31 -0.53 -16.40
N LYS B 142 26.23 -1.40 -16.79
CA LYS B 142 27.53 -1.01 -17.36
C LYS B 142 27.40 -0.98 -18.87
N LEU B 143 27.70 0.16 -19.49
CA LEU B 143 27.54 0.29 -20.93
C LEU B 143 28.90 0.52 -21.61
N GLU B 144 29.22 -0.28 -22.61
CA GLU B 144 30.35 0.06 -23.46
C GLU B 144 29.77 0.87 -24.58
N LEU B 145 30.39 2.00 -24.90
CA LEU B 145 29.87 2.82 -25.97
C LEU B 145 30.25 2.32 -27.34
N ASN B 146 31.45 1.75 -27.49
CA ASN B 146 31.91 1.19 -28.77
C ASN B 146 30.87 0.29 -29.47
N GLU B 147 30.12 -0.46 -28.67
CA GLU B 147 28.99 -1.24 -29.14
C GLU B 147 27.89 -0.98 -28.12
N LYS B 148 26.79 -0.32 -28.51
CA LYS B 148 25.84 0.11 -27.50
C LYS B 148 25.07 -1.07 -26.87
N MET B 149 25.84 -2.09 -26.49
CA MET B 149 25.35 -3.22 -25.73
C MET B 149 25.48 -2.98 -24.24
N VAL B 150 24.52 -3.53 -23.50
CA VAL B 150 24.58 -3.57 -22.04
C VAL B 150 25.44 -4.77 -21.62
N LYS B 151 26.72 -4.52 -21.33
CA LYS B 151 27.64 -5.57 -21.00
C LYS B 151 27.39 -6.22 -19.61
N LEU B 152 27.12 -5.42 -18.58
CA LEU B 152 26.94 -5.93 -17.21
C LEU B 152 25.83 -5.20 -16.44
N LYS B 153 24.99 -5.93 -15.71
CA LYS B 153 23.89 -5.33 -14.97
C LYS B 153 23.86 -5.76 -13.50
N ARG B 154 23.89 -4.81 -12.59
CA ARG B 154 23.99 -5.17 -11.20
C ARG B 154 22.95 -4.46 -10.35
N GLU B 155 21.97 -5.22 -9.84
CA GLU B 155 20.92 -4.68 -8.99
C GLU B 155 21.42 -4.74 -7.58
N LYS B 156 21.00 -3.81 -6.75
CA LYS B 156 21.44 -3.78 -5.35
C LYS B 156 20.47 -2.92 -4.53
N ASN B 157 20.33 -3.20 -3.25
CA ASN B 157 19.30 -2.55 -2.42
C ASN B 157 19.86 -1.86 -1.20
N SER B 158 19.97 -0.53 -1.23
CA SER B 158 20.39 0.11 -0.01
C SER B 158 19.38 -0.17 1.05
N ARG B 159 19.82 -0.24 2.29
CA ARG B 159 18.85 -0.42 3.35
C ARG B 159 18.95 0.67 4.37
N ASP B 160 20.14 0.87 4.89
CA ASP B 160 20.37 1.86 5.92
C ASP B 160 20.47 3.22 5.26
N GLN B 161 20.97 3.20 4.02
CA GLN B 161 21.54 4.37 3.36
C GLN B 161 20.77 4.90 2.17
N ASN B 162 21.20 6.09 1.74
CA ASN B 162 20.63 6.83 0.62
C ASN B 162 20.96 6.37 -0.82
N PHE B 163 21.86 5.39 -0.91
CA PHE B 163 22.59 5.13 -2.13
C PHE B 163 23.20 3.74 -2.08
N VAL B 164 23.88 3.39 -3.16
CA VAL B 164 24.65 2.19 -3.23
C VAL B 164 26.02 2.49 -3.78
N ILE B 165 26.97 1.59 -3.57
CA ILE B 165 28.25 1.67 -4.27
C ILE B 165 28.62 0.36 -4.89
N LEU B 166 28.68 0.31 -6.22
CA LEU B 166 29.01 -0.94 -6.86
C LEU B 166 30.33 -0.79 -7.54
N GLU B 167 31.13 -1.83 -7.37
CA GLU B 167 32.42 -1.89 -7.98
C GLU B 167 32.26 -2.64 -9.27
N PHE B 168 32.67 -1.96 -10.35
CA PHE B 168 32.58 -2.49 -11.71
C PHE B 168 33.93 -2.70 -12.33
N PRO B 169 34.13 -3.87 -12.98
CA PRO B 169 35.38 -4.33 -13.58
C PRO B 169 35.55 -3.89 -15.04
N VAL B 170 36.76 -3.45 -15.40
CA VAL B 170 37.03 -3.12 -16.78
C VAL B 170 37.50 -4.42 -17.45
N GLU B 171 36.68 -4.99 -18.34
CA GLU B 171 37.02 -6.23 -19.00
C GLU B 171 37.93 -5.90 -20.19
N GLU B 172 38.77 -6.83 -20.64
CA GLU B 172 39.87 -6.51 -21.59
C GLU B 172 39.47 -5.80 -22.89
N GLN B 173 38.25 -6.04 -23.33
CA GLN B 173 37.68 -5.42 -24.52
C GLN B 173 36.84 -4.18 -24.20
N ASP B 174 37.44 -3.22 -23.51
CA ASP B 174 36.68 -2.04 -23.13
C ASP B 174 37.43 -0.80 -23.57
N ARG B 175 36.64 0.23 -23.92
CA ARG B 175 37.18 1.46 -24.48
C ARG B 175 36.55 2.66 -23.82
N VAL B 176 35.27 2.79 -24.13
CA VAL B 176 34.49 3.85 -23.55
C VAL B 176 33.31 3.23 -22.80
N LEU B 177 33.31 3.44 -21.48
CA LEU B 177 32.32 2.86 -20.59
C LEU B 177 31.44 3.95 -20.04
N SER B 178 30.16 3.61 -19.83
CA SER B 178 29.21 4.46 -19.12
C SER B 178 28.25 3.64 -18.27
N PHE B 179 27.89 4.18 -17.12
CA PHE B 179 27.05 3.46 -16.17
C PHE B 179 25.72 4.15 -16.02
N ARG B 180 24.69 3.31 -15.99
CA ARG B 180 23.30 3.72 -16.03
C ARG B 180 22.59 3.14 -14.80
N CYS B 181 22.07 4.06 -13.99
CA CYS B 181 21.45 3.75 -12.71
C CYS B 181 19.98 4.06 -12.72
N GLN B 182 19.14 3.14 -12.25
CA GLN B 182 17.73 3.45 -12.04
C GLN B 182 17.35 3.16 -10.59
N ALA B 183 16.53 4.02 -9.97
CA ALA B 183 16.16 3.82 -8.56
C ALA B 183 14.71 3.34 -8.46
N ARG B 184 14.44 2.48 -7.46
CA ARG B 184 13.09 1.97 -7.19
C ARG B 184 12.77 2.08 -5.71
N ILE B 185 11.57 2.52 -5.38
CA ILE B 185 11.20 2.72 -3.98
C ILE B 185 9.82 2.14 -3.65
N ILE B 186 9.75 1.32 -2.58
CA ILE B 186 8.46 0.78 -2.14
C ILE B 186 7.68 1.82 -1.36
N SER B 187 6.73 2.47 -2.01
CA SER B 187 6.06 3.61 -1.39
C SER B 187 5.34 3.23 -0.12
N GLY B 188 4.53 2.19 -0.20
CA GLY B 188 3.72 1.79 0.93
C GLY B 188 3.30 0.35 0.82
N ILE B 189 3.06 -0.25 1.96
CA ILE B 189 2.61 -1.61 2.00
C ILE B 189 1.49 -1.74 3.01
N HIS B 190 0.35 -2.30 2.64
CA HIS B 190 -0.70 -2.52 3.61
C HIS B 190 -0.99 -3.96 3.60
N MET B 191 -0.87 -4.63 4.74
CA MET B 191 -1.17 -6.04 4.75
C MET B 191 -2.09 -6.37 5.92
N GLN B 192 -2.91 -7.39 5.70
CA GLN B 192 -3.97 -7.76 6.60
C GLN B 192 -3.62 -9.07 7.32
N THR B 193 -4.06 -9.24 8.56
CA THR B 193 -3.66 -10.46 9.29
C THR B 193 -4.83 -11.32 9.78
N SER B 194 -4.70 -12.64 9.68
CA SER B 194 -5.75 -13.48 10.25
C SER B 194 -5.57 -13.77 11.74
N GLU B 195 -6.52 -14.50 12.31
CA GLU B 195 -6.42 -14.99 13.67
C GLU B 195 -5.82 -16.40 13.63
N SER B 196 -5.03 -16.81 14.62
CA SER B 196 -4.37 -18.12 14.57
C SER B 196 -5.34 -19.28 14.62
N THR B 197 -4.98 -20.43 14.06
CA THR B 197 -5.81 -21.64 14.20
C THR B 197 -4.97 -22.82 14.74
N LYS B 198 -5.59 -23.85 15.35
CA LYS B 198 -4.83 -24.99 15.84
C LYS B 198 -5.38 -26.36 15.35
N SER B 199 -4.66 -27.44 15.69
CA SER B 199 -4.93 -28.85 15.32
C SER B 199 -4.48 -29.70 16.49
N GLU B 200 -4.59 -31.05 16.46
CA GLU B 200 -4.13 -31.85 17.64
C GLU B 200 -3.29 -33.18 17.51
N LEU B 201 -2.26 -33.44 18.33
CA LEU B 201 -1.46 -34.65 18.05
C LEU B 201 -0.37 -35.27 18.99
N VAL B 202 -0.48 -36.60 19.16
CA VAL B 202 0.35 -37.38 20.09
C VAL B 202 1.45 -38.15 19.41
N THR B 203 2.59 -38.27 20.07
CA THR B 203 3.70 -38.80 19.32
C THR B 203 4.14 -40.24 19.70
N VAL B 204 5.14 -40.37 20.58
CA VAL B 204 5.93 -41.59 20.72
C VAL B 204 5.21 -42.93 20.68
N SER B 205 5.70 -43.78 19.78
CA SER B 205 5.26 -45.16 19.67
C SER B 205 6.52 -46.03 19.84
N ARG B 206 7.66 -45.34 19.76
CA ARG B 206 8.98 -45.94 19.93
C ARG B 206 10.01 -44.86 20.27
C1 GOL C . -14.07 7.53 -16.67
O1 GOL C . -13.18 8.63 -16.66
C2 GOL C . -14.34 6.94 -18.07
O2 GOL C . -13.99 5.58 -18.09
C3 GOL C . -15.83 7.08 -18.35
O3 GOL C . -16.27 6.06 -19.22
C1 GOL D . -12.32 -11.97 10.53
O1 GOL D . -12.46 -11.09 9.45
C2 GOL D . -13.19 -13.20 10.27
O2 GOL D . -13.41 -13.27 8.85
C3 GOL D . -12.46 -14.42 10.83
O3 GOL D . -13.09 -15.65 10.52
C1 GOL E . -16.31 -7.02 -8.17
O1 GOL E . -14.91 -6.94 -8.35
C2 GOL E . -16.94 -7.76 -9.34
O2 GOL E . -16.01 -7.87 -10.39
C3 GOL E . -17.36 -9.15 -8.88
O3 GOL E . -18.20 -9.07 -7.75
CU CU F . -17.17 -12.38 -4.74
C1 NAG G . -24.99 -13.07 2.51
C2 NAG G . -25.54 -13.55 3.84
C3 NAG G . -25.98 -15.01 3.78
C4 NAG G . -26.87 -15.25 2.56
C5 NAG G . -26.17 -14.71 1.32
C6 NAG G . -27.00 -14.82 0.07
C7 NAG G . -24.52 -12.32 5.70
C8 NAG G . -23.38 -12.23 6.67
N2 NAG G . -24.50 -13.36 4.87
O3 NAG G . -26.75 -15.32 4.95
O4 NAG G . -27.16 -16.64 2.40
O5 NAG G . -25.93 -13.32 1.52
O6 NAG G . -26.22 -14.47 -1.06
O7 NAG G . -25.43 -11.48 5.68
C1 NAG H . -22.88 -1.83 -22.75
C2 NAG H . -22.05 -1.92 -24.00
C3 NAG H . -22.96 -1.67 -25.17
C4 NAG H . -23.97 -2.78 -25.22
C5 NAG H . -24.76 -2.80 -23.93
C6 NAG H . -25.63 -4.05 -23.90
C7 NAG H . -19.96 -1.11 -23.21
C8 NAG H . -18.82 -0.21 -23.48
N2 NAG H . -21.03 -0.92 -23.94
O3 NAG H . -22.17 -1.76 -26.34
O4 NAG H . -24.88 -2.55 -26.28
O5 NAG H . -23.91 -2.81 -22.79
O6 NAG H . -26.48 -4.00 -22.76
O7 NAG H . -19.90 -1.96 -22.37
C1 NAG I . -4.59 -28.42 2.09
C2 NAG I . -4.95 -29.31 0.93
C3 NAG I . -6.00 -28.62 0.07
C4 NAG I . -7.19 -28.19 0.91
C5 NAG I . -6.70 -27.36 2.10
C6 NAG I . -7.76 -27.05 3.11
C7 NAG I . -3.40 -30.85 -0.16
C8 NAG I . -4.32 -31.96 0.28
N2 NAG I . -3.79 -29.62 0.16
O3 NAG I . -6.42 -29.51 -0.95
O4 NAG I . -8.11 -27.45 0.11
O5 NAG I . -5.71 -28.10 2.83
O6 NAG I . -7.26 -27.31 4.41
O7 NAG I . -2.41 -31.07 -0.79
C TRS J . -13.48 7.03 0.22
C1 TRS J . -14.29 7.67 1.37
C2 TRS J . -12.56 8.02 -0.51
C3 TRS J . -14.42 6.34 -0.73
N TRS J . -12.65 5.97 0.79
O1 TRS J . -15.48 8.29 0.93
O2 TRS J . -13.26 9.12 -1.07
O3 TRS J . -15.35 5.64 0.05
C1 GOL K . 15.55 18.23 -6.42
O1 GOL K . 15.66 19.16 -5.36
C2 GOL K . 14.12 17.71 -6.55
O2 GOL K . 13.18 18.77 -6.37
C3 GOL K . 13.93 17.01 -7.89
O3 GOL K . 12.79 16.19 -7.87
C1 GOL L . 10.71 14.07 -10.14
O1 GOL L . 10.61 14.92 -9.02
C2 GOL L . 9.40 13.32 -10.41
O2 GOL L . 8.31 14.23 -10.34
C3 GOL L . 9.45 12.67 -11.79
O3 GOL L . 8.23 12.01 -12.11
C1 NAG M . 4.52 26.76 -4.14
C2 NAG M . 5.21 28.08 -3.77
C3 NAG M . 4.75 29.21 -4.68
C4 NAG M . 4.92 28.83 -6.15
C5 NAG M . 4.30 27.47 -6.45
C6 NAG M . 4.65 26.96 -7.83
C7 NAG M . 5.82 29.01 -1.56
C8 NAG M . 5.38 29.23 -0.15
N2 NAG M . 4.94 28.40 -2.36
O3 NAG M . 5.52 30.38 -4.41
O4 NAG M . 4.36 29.81 -7.04
O5 NAG M . 4.78 26.49 -5.51
O6 NAG M . 4.11 25.66 -8.07
O7 NAG M . 6.92 29.38 -1.96
C1 NAG N . 2.02 20.87 23.19
C2 NAG N . 2.04 20.41 24.66
C3 NAG N . 2.08 21.64 25.59
C4 NAG N . 3.26 22.53 25.24
C5 NAG N . 3.12 22.98 23.79
C6 NAG N . 4.23 23.88 23.30
C7 NAG N . 0.88 18.25 24.78
C8 NAG N . -0.41 17.56 25.14
N2 NAG N . 0.90 19.58 24.96
O3 NAG N . 2.12 21.26 26.97
O4 NAG N . 3.34 23.66 26.11
O5 NAG N . 3.11 21.81 22.94
O6 NAG N . 3.85 24.61 22.15
O7 NAG N . 1.85 17.63 24.35
#